data_4LNX
#
_entry.id   4LNX
#
_cell.length_a   59.744
_cell.length_b   80.924
_cell.length_c   101.871
_cell.angle_alpha   90.00
_cell.angle_beta   90.00
_cell.angle_gamma   90.00
#
_symmetry.space_group_name_H-M   'P 21 21 21'
#
loop_
_entity.id
_entity.type
_entity.pdbx_description
1 polymer 'Thyroid hormone receptor alpha'
2 non-polymer "3,5,3',5'-TETRAIODO-L-THYRONINE"
3 non-polymer "3,5,3'TRIIODOTHYRONINE"
4 water water
#
_entity_poly.entity_id   1
_entity_poly.type   'polypeptide(L)'
_entity_poly.pdbx_seq_one_letter_code
;GSHMEEMIRSLQQRPEPTPEEWDLIHIATEAHRSTNAQGSHWKQRRKFLPDDIGQSPIVSMPDGDKVDLEAFSEFTKIIT
PAITRVVDFAKKLPMFSELP(CAS)EDQIILLKGCCMEIMSLRAAVRYDPESDTLTLSGEMAVKREQLKNGGLGVVSDAI
FELGKSLSAFNLDDTEVALLQAVLLMSTDRSGLL(CAS)VDKIEKSQEAYLLAFEHYVNHRKHNIPHFWPKLLMKVTDLR
MIGA(CAS)HASRFLHMKVE(CAS)PTELFPPLFLEVFEDQEV
;
_entity_poly.pdbx_strand_id   A
#
# COMPACT_ATOMS: atom_id res chain seq x y z
N SER A 2 23.59 19.03 26.37
CA SER A 2 23.72 20.45 26.68
C SER A 2 22.41 21.03 27.20
N HIS A 3 22.48 22.23 27.77
CA HIS A 3 21.31 22.89 28.35
C HIS A 3 20.19 23.10 27.34
N MET A 4 20.54 23.60 26.16
CA MET A 4 19.55 23.81 25.09
C MET A 4 18.89 22.51 24.68
N GLU A 5 19.71 21.47 24.49
CA GLU A 5 19.19 20.17 24.11
C GLU A 5 18.21 19.65 25.13
N GLU A 6 18.57 19.78 26.42
CA GLU A 6 17.71 19.30 27.49
C GLU A 6 16.40 20.07 27.48
N MET A 7 16.49 21.38 27.22
CA MET A 7 15.31 22.22 27.15
C MET A 7 14.33 21.81 26.06
N ILE A 8 14.83 21.57 24.85
CA ILE A 8 13.91 21.24 23.78
C ILE A 8 13.49 19.76 23.82
N ARG A 9 14.27 18.94 24.51
CA ARG A 9 13.93 17.53 24.70
C ARG A 9 13.21 17.31 26.02
N SER A 10 12.74 18.37 26.67
CA SER A 10 12.17 18.24 28.01
C SER A 10 10.87 17.43 28.04
N LEU A 11 10.03 17.65 27.03
CA LEU A 11 8.75 16.95 26.94
C LEU A 11 8.89 15.66 26.13
N GLN A 12 10.11 15.39 25.68
CA GLN A 12 10.44 14.12 25.05
C GLN A 12 10.84 13.11 26.12
N GLN A 13 10.58 11.85 25.82
CA GLN A 13 11.18 10.78 26.55
C GLN A 13 11.76 9.93 25.45
N ARG A 14 10.85 9.46 24.60
CA ARG A 14 11.13 8.40 23.66
C ARG A 14 12.14 8.83 22.60
N PRO A 15 12.88 7.86 22.07
CA PRO A 15 13.94 8.15 21.10
C PRO A 15 13.44 8.86 19.84
N GLU A 16 14.08 9.96 19.48
CA GLU A 16 13.74 10.69 18.26
C GLU A 16 14.59 10.16 17.12
N PRO A 17 14.23 10.48 15.87
CA PRO A 17 15.15 10.07 14.80
C PRO A 17 16.51 10.77 14.92
N THR A 18 17.58 10.05 14.61
CA THR A 18 18.91 10.63 14.47
C THR A 18 18.96 11.48 13.19
N PRO A 19 20.02 12.27 13.04
CA PRO A 19 20.20 13.09 11.83
C PRO A 19 20.24 12.23 10.57
N GLU A 20 20.79 11.02 10.68
CA GLU A 20 20.86 10.09 9.57
CA GLU A 20 20.87 10.06 9.58
C GLU A 20 19.48 9.51 9.29
N GLU A 21 18.73 9.23 10.34
CA GLU A 21 17.36 8.73 10.12
C GLU A 21 16.46 9.80 9.52
N TRP A 22 16.68 11.05 9.89
CA TRP A 22 15.90 12.16 9.33
C TRP A 22 16.15 12.28 7.82
N ASP A 23 17.40 12.10 7.39
CA ASP A 23 17.72 12.09 5.96
CA ASP A 23 17.70 12.09 5.96
C ASP A 23 16.95 10.97 5.27
N LEU A 24 16.95 9.78 5.88
CA LEU A 24 16.22 8.62 5.36
C LEU A 24 14.72 8.90 5.23
N ILE A 25 14.18 9.48 6.30
CA ILE A 25 12.77 9.85 6.40
C ILE A 25 12.37 10.87 5.30
N HIS A 26 13.21 11.88 5.12
CA HIS A 26 12.94 12.92 4.15
C HIS A 26 12.92 12.37 2.69
N ILE A 27 13.94 11.59 2.34
CA ILE A 27 14.01 10.98 1.01
C ILE A 27 12.80 10.08 0.73
N ALA A 28 12.45 9.22 1.67
CA ALA A 28 11.30 8.35 1.51
C ALA A 28 9.99 9.13 1.40
N THR A 29 9.82 10.15 2.23
CA THR A 29 8.62 10.98 2.19
C THR A 29 8.48 11.65 0.82
N GLU A 30 9.57 12.20 0.30
CA GLU A 30 9.49 12.89 -0.98
C GLU A 30 9.28 11.90 -2.15
N ALA A 31 9.83 10.69 -2.01
CA ALA A 31 9.69 9.64 -3.03
C ALA A 31 8.21 9.22 -3.14
N HIS A 32 7.55 9.20 -1.99
CA HIS A 32 6.13 8.89 -1.92
C HIS A 32 5.28 10.03 -2.45
N ARG A 33 5.54 11.24 -1.97
CA ARG A 33 4.76 12.40 -2.41
C ARG A 33 4.83 12.58 -3.93
N SER A 34 5.99 12.31 -4.52
CA SER A 34 6.15 12.56 -5.94
C SER A 34 5.58 11.43 -6.79
N THR A 35 5.11 10.36 -6.15
CA THR A 35 4.56 9.23 -6.92
C THR A 35 3.17 8.80 -6.43
N ASN A 36 2.57 9.63 -5.59
CA ASN A 36 1.27 9.41 -5.00
C ASN A 36 0.26 10.25 -5.80
N ALA A 37 -0.63 9.59 -6.53
CA ALA A 37 -1.48 10.31 -7.50
C ALA A 37 -2.46 11.33 -6.91
N GLN A 38 -2.42 12.55 -7.42
CA GLN A 38 -3.37 13.59 -7.04
C GLN A 38 -2.99 14.32 -5.76
N GLY A 39 -1.94 13.85 -5.10
CA GLY A 39 -1.48 14.45 -3.86
C GLY A 39 -2.61 14.70 -2.89
N SER A 40 -2.83 15.97 -2.56
CA SER A 40 -3.84 16.33 -1.58
C SER A 40 -5.16 16.79 -2.21
N HIS A 41 -5.29 16.64 -3.52
CA HIS A 41 -6.50 17.09 -4.23
C HIS A 41 -7.43 15.94 -4.63
N TRP A 42 -7.17 14.75 -4.08
CA TRP A 42 -7.91 13.53 -4.45
C TRP A 42 -9.41 13.56 -4.14
N LYS A 43 -9.82 14.23 -3.06
CA LYS A 43 -11.24 14.21 -2.69
C LYS A 43 -12.07 15.08 -3.62
N GLN A 44 -11.46 16.14 -4.12
CA GLN A 44 -12.13 17.03 -5.08
C GLN A 44 -12.09 16.46 -6.50
N ARG A 45 -11.01 15.78 -6.82
CA ARG A 45 -10.76 15.37 -8.19
C ARG A 45 -11.28 13.96 -8.57
N ARG A 46 -11.58 13.15 -7.59
CA ARG A 46 -12.08 11.79 -7.85
C ARG A 46 -13.50 11.81 -8.42
N LYS A 47 -13.78 10.86 -9.31
CA LYS A 47 -15.13 10.66 -9.81
C LYS A 47 -15.57 9.28 -9.37
N PHE A 48 -16.85 9.13 -9.05
CA PHE A 48 -17.35 7.83 -8.65
C PHE A 48 -17.50 6.89 -9.83
N LEU A 49 -17.10 5.64 -9.66
CA LEU A 49 -17.44 4.60 -10.62
C LEU A 49 -18.95 4.54 -10.69
N PRO A 50 -19.52 4.62 -11.88
CA PRO A 50 -20.98 4.61 -12.04
C PRO A 50 -21.63 3.50 -11.22
N ASP A 51 -22.80 3.78 -10.62
CA ASP A 51 -23.47 2.76 -9.81
C ASP A 51 -23.97 1.53 -10.57
N ASP A 52 -24.18 1.65 -11.87
CA ASP A 52 -24.66 0.50 -12.63
C ASP A 52 -23.50 -0.40 -13.04
N ILE A 53 -22.30 -0.08 -12.57
CA ILE A 53 -21.16 -0.94 -12.84
C ILE A 53 -20.72 -1.65 -11.57
N GLY A 54 -20.45 -2.95 -11.66
CA GLY A 54 -20.01 -3.70 -10.50
C GLY A 54 -21.14 -4.35 -9.73
N GLN A 55 -22.31 -4.49 -10.39
CA GLN A 55 -23.48 -5.11 -9.77
C GLN A 55 -23.77 -6.48 -10.38
N SER A 56 -22.95 -6.90 -11.34
CA SER A 56 -23.29 -8.08 -12.13
C SER A 56 -22.20 -9.16 -12.18
N PRO A 57 -21.91 -9.79 -11.04
CA PRO A 57 -20.87 -10.83 -11.10
C PRO A 57 -21.39 -12.04 -11.90
N ILE A 58 -20.62 -12.51 -12.86
CA ILE A 58 -21.15 -13.42 -13.87
C ILE A 58 -20.17 -14.55 -14.19
N VAL A 59 -18.89 -14.32 -13.90
CA VAL A 59 -17.84 -15.29 -14.17
C VAL A 59 -17.47 -16.02 -12.89
N SER A 60 -17.53 -17.36 -12.90
CA SER A 60 -17.31 -18.10 -11.66
C SER A 60 -15.88 -18.12 -11.19
N MET A 61 -15.71 -18.28 -9.88
CA MET A 61 -14.40 -18.43 -9.28
C MET A 61 -14.50 -19.56 -8.28
N PRO A 62 -13.37 -20.21 -7.96
CA PRO A 62 -13.40 -21.33 -6.99
C PRO A 62 -14.04 -20.99 -5.65
N ASP A 63 -13.77 -19.81 -5.08
CA ASP A 63 -14.35 -19.51 -3.76
C ASP A 63 -15.82 -19.08 -3.78
N GLY A 64 -16.40 -18.99 -4.98
CA GLY A 64 -17.82 -18.71 -5.10
C GLY A 64 -18.14 -17.23 -5.24
N ASP A 65 -17.14 -16.37 -5.07
CA ASP A 65 -17.35 -14.95 -5.33
C ASP A 65 -17.09 -14.67 -6.81
N LYS A 66 -18.18 -14.53 -7.57
CA LYS A 66 -18.10 -14.38 -9.02
C LYS A 66 -17.54 -13.02 -9.44
N VAL A 67 -17.16 -12.93 -10.72
CA VAL A 67 -16.56 -11.70 -11.22
C VAL A 67 -17.44 -11.01 -12.28
N ASP A 68 -17.60 -9.70 -12.10
CA ASP A 68 -18.25 -8.82 -13.06
C ASP A 68 -17.20 -8.35 -14.06
N LEU A 69 -17.30 -8.83 -15.30
CA LEU A 69 -16.30 -8.59 -16.34
C LEU A 69 -16.15 -7.11 -16.68
N GLU A 70 -17.27 -6.39 -16.75
CA GLU A 70 -17.21 -4.97 -17.03
C GLU A 70 -16.45 -4.21 -15.92
N ALA A 71 -16.77 -4.50 -14.67
CA ALA A 71 -16.08 -3.88 -13.54
C ALA A 71 -14.59 -4.24 -13.56
N PHE A 72 -14.30 -5.51 -13.81
CA PHE A 72 -12.92 -5.98 -13.91
C PHE A 72 -12.17 -5.18 -14.96
N SER A 73 -12.79 -4.96 -16.11
CA SER A 73 -12.19 -4.15 -17.17
CA SER A 73 -12.20 -4.16 -17.16
C SER A 73 -11.93 -2.71 -16.73
N GLU A 74 -12.89 -2.11 -16.02
CA GLU A 74 -12.70 -0.73 -15.57
C GLU A 74 -11.51 -0.60 -14.60
N PHE A 75 -11.38 -1.51 -13.67
CA PHE A 75 -10.26 -1.52 -12.75
C PHE A 75 -8.92 -1.77 -13.43
N THR A 76 -8.88 -2.72 -14.35
CA THR A 76 -7.62 -3.02 -15.00
C THR A 76 -7.18 -1.93 -15.97
N LYS A 77 -8.14 -1.17 -16.50
CA LYS A 77 -7.82 -0.05 -17.39
C LYS A 77 -6.90 0.97 -16.72
N ILE A 78 -6.97 1.09 -15.40
CA ILE A 78 -6.17 2.10 -14.71
C ILE A 78 -5.08 1.48 -13.83
N ILE A 79 -4.93 0.15 -13.85
CA ILE A 79 -3.97 -0.48 -12.94
C ILE A 79 -2.50 -0.31 -13.37
N THR A 80 -2.27 -0.19 -14.68
CA THR A 80 -0.91 -0.07 -15.17
C THR A 80 -0.19 1.19 -14.66
N PRO A 81 -0.83 2.39 -14.77
CA PRO A 81 -0.14 3.56 -14.21
C PRO A 81 0.03 3.44 -12.69
N ALA A 82 -0.86 2.74 -12.02
CA ALA A 82 -0.77 2.60 -10.57
C ALA A 82 0.44 1.74 -10.17
N ILE A 83 0.62 0.63 -10.87
CA ILE A 83 1.78 -0.23 -10.66
C ILE A 83 3.06 0.54 -10.98
N THR A 84 3.03 1.29 -12.07
CA THR A 84 4.18 2.08 -12.49
C THR A 84 4.63 3.05 -11.38
N ARG A 85 3.69 3.66 -10.70
CA ARG A 85 4.00 4.59 -9.63
C ARG A 85 4.70 3.91 -8.44
N VAL A 86 4.33 2.69 -8.13
CA VAL A 86 5.02 1.96 -7.06
C VAL A 86 6.47 1.72 -7.44
N VAL A 87 6.69 1.28 -8.68
CA VAL A 87 8.04 1.10 -9.20
C VAL A 87 8.79 2.45 -9.15
N ASP A 88 8.12 3.55 -9.52
CA ASP A 88 8.73 4.89 -9.47
C ASP A 88 9.16 5.22 -8.02
N PHE A 89 8.28 4.89 -7.07
CA PHE A 89 8.58 5.12 -5.66
C PHE A 89 9.82 4.34 -5.22
N ALA A 90 9.82 3.04 -5.49
CA ALA A 90 10.93 2.16 -5.09
C ALA A 90 12.26 2.65 -5.66
N LYS A 91 12.25 3.01 -6.94
CA LYS A 91 13.46 3.47 -7.60
C LYS A 91 14.07 4.69 -6.96
N LYS A 92 13.25 5.48 -6.24
CA LYS A 92 13.77 6.67 -5.59
C LYS A 92 14.41 6.42 -4.22
N LEU A 93 14.37 5.19 -3.72
CA LEU A 93 15.03 4.88 -2.45
C LEU A 93 16.41 4.31 -2.74
N PRO A 94 17.45 5.03 -2.30
CA PRO A 94 18.83 4.60 -2.51
C PRO A 94 19.05 3.12 -2.18
N MET A 95 18.57 2.67 -1.02
CA MET A 95 18.79 1.28 -0.60
C MET A 95 18.10 0.27 -1.52
N PHE A 96 17.06 0.71 -2.22
CA PHE A 96 16.44 -0.18 -3.20
C PHE A 96 17.21 -0.15 -4.53
N SER A 97 17.51 1.06 -4.99
CA SER A 97 18.13 1.22 -6.31
C SER A 97 19.53 0.66 -6.39
N GLU A 98 20.18 0.45 -5.25
CA GLU A 98 21.53 -0.09 -5.31
C GLU A 98 21.57 -1.62 -5.30
N LEU A 99 20.41 -2.26 -5.18
CA LEU A 99 20.33 -3.72 -5.26
C LEU A 99 20.48 -4.21 -6.70
N PRO A 100 20.91 -5.45 -6.88
CA PRO A 100 20.89 -6.06 -8.19
C PRO A 100 19.51 -5.93 -8.84
N GLU A 102 17.80 -7.94 -10.49
CA GLU A 102 16.98 -9.10 -10.23
C GLU A 102 16.34 -9.08 -8.84
N ASP A 103 17.07 -8.61 -7.86
CA ASP A 103 16.47 -8.41 -6.53
C ASP A 103 15.36 -7.36 -6.52
N GLN A 104 15.58 -6.24 -7.22
CA GLN A 104 14.58 -5.19 -7.33
C GLN A 104 13.24 -5.73 -7.88
N ILE A 105 13.30 -6.51 -8.95
CA ILE A 105 12.11 -7.10 -9.55
C ILE A 105 11.39 -8.00 -8.53
N ILE A 106 12.15 -8.87 -7.88
CA ILE A 106 11.57 -9.76 -6.87
C ILE A 106 10.88 -8.98 -5.76
N LEU A 107 11.52 -7.96 -5.25
CA LEU A 107 10.93 -7.16 -4.17
C LEU A 107 9.67 -6.42 -4.62
N LEU A 108 9.70 -5.86 -5.82
CA LEU A 108 8.53 -5.18 -6.38
C LEU A 108 7.35 -6.13 -6.54
N LYS A 109 7.60 -7.32 -7.06
CA LYS A 109 6.52 -8.29 -7.24
C LYS A 109 5.99 -8.71 -5.87
N GLY A 110 6.89 -8.79 -4.88
CA GLY A 110 6.48 -9.25 -3.55
C GLY A 110 5.59 -8.28 -2.80
N CYS A 111 5.75 -6.98 -3.05
CA CYS A 111 5.06 -5.95 -2.25
C CYS A 111 4.05 -5.11 -3.03
N CYS A 112 3.90 -5.35 -4.32
CA CYS A 112 3.13 -4.40 -5.14
C CYS A 112 1.67 -4.25 -4.67
N MET A 113 1.01 -5.38 -4.44
CA MET A 113 -0.41 -5.31 -4.00
C MET A 113 -0.50 -4.70 -2.59
N GLU A 114 0.45 -5.03 -1.72
CA GLU A 114 0.49 -4.48 -0.36
CA GLU A 114 0.46 -4.48 -0.37
C GLU A 114 0.51 -2.96 -0.41
N ILE A 115 1.40 -2.41 -1.23
CA ILE A 115 1.51 -0.97 -1.38
C ILE A 115 0.29 -0.31 -2.06
N MET A 116 -0.18 -0.89 -3.16
CA MET A 116 -1.38 -0.33 -3.79
C MET A 116 -2.59 -0.34 -2.87
N SER A 117 -2.74 -1.42 -2.09
CA SER A 117 -3.88 -1.53 -1.20
C SER A 117 -3.78 -0.50 -0.09
N LEU A 118 -2.57 -0.30 0.40
CA LEU A 118 -2.33 0.72 1.42
C LEU A 118 -2.69 2.10 0.85
N ARG A 119 -2.28 2.37 -0.38
CA ARG A 119 -2.56 3.66 -1.00
C ARG A 119 -4.06 3.88 -1.22
N ALA A 120 -4.80 2.78 -1.46
CA ALA A 120 -6.25 2.88 -1.54
C ALA A 120 -6.83 3.10 -0.16
N ALA A 121 -6.33 2.34 0.82
CA ALA A 121 -6.91 2.35 2.16
C ALA A 121 -6.75 3.71 2.89
N VAL A 122 -5.62 4.39 2.69
CA VAL A 122 -5.43 5.70 3.33
C VAL A 122 -6.34 6.76 2.71
N ARG A 123 -6.97 6.43 1.57
CA ARG A 123 -7.96 7.32 0.96
C ARG A 123 -9.36 6.78 1.10
N TYR A 124 -9.60 6.03 2.16
CA TYR A 124 -10.96 5.68 2.51
C TYR A 124 -11.68 6.95 2.92
N ASP A 125 -12.91 7.12 2.43
CA ASP A 125 -13.72 8.27 2.78
CA ASP A 125 -13.73 8.27 2.76
C ASP A 125 -14.96 7.82 3.56
N PRO A 126 -14.99 8.15 4.85
CA PRO A 126 -16.07 7.70 5.74
C PRO A 126 -17.46 8.15 5.33
N GLU A 127 -17.61 9.38 4.84
CA GLU A 127 -18.96 9.87 4.56
C GLU A 127 -19.60 9.18 3.34
N SER A 128 -18.81 8.88 2.32
CA SER A 128 -19.34 8.16 1.16
C SER A 128 -19.10 6.65 1.24
N ASP A 129 -18.34 6.22 2.24
CA ASP A 129 -17.98 4.81 2.41
C ASP A 129 -17.39 4.25 1.10
N THR A 130 -16.39 4.94 0.57
CA THR A 130 -15.70 4.51 -0.63
C THR A 130 -14.18 4.54 -0.44
N LEU A 131 -13.47 3.72 -1.21
CA LEU A 131 -12.03 3.87 -1.36
C LEU A 131 -11.81 4.70 -2.62
N THR A 132 -10.65 5.34 -2.75
CA THR A 132 -10.30 6.00 -4.00
C THR A 132 -9.11 5.30 -4.64
N LEU A 133 -9.28 4.87 -5.88
CA LEU A 133 -8.21 4.17 -6.60
C LEU A 133 -7.42 5.17 -7.47
N SER A 134 -6.08 5.14 -7.35
CA SER A 134 -5.20 6.10 -8.03
C SER A 134 -5.65 7.56 -7.93
N GLY A 135 -6.17 7.94 -6.77
CA GLY A 135 -6.63 9.30 -6.54
C GLY A 135 -7.71 9.82 -7.50
N GLU A 136 -8.37 8.94 -8.24
CA GLU A 136 -9.36 9.40 -9.22
C GLU A 136 -10.66 8.60 -9.35
N MET A 137 -10.68 7.35 -8.87
CA MET A 137 -11.90 6.55 -8.99
C MET A 137 -12.41 6.15 -7.60
N ALA A 138 -13.54 6.73 -7.18
CA ALA A 138 -14.12 6.34 -5.91
C ALA A 138 -14.96 5.08 -6.13
N VAL A 139 -14.72 4.04 -5.35
CA VAL A 139 -15.43 2.78 -5.55
C VAL A 139 -16.12 2.34 -4.26
N LYS A 140 -17.29 1.75 -4.40
CA LYS A 140 -18.01 1.18 -3.27
C LYS A 140 -17.56 -0.24 -3.02
N ARG A 141 -17.87 -0.76 -1.83
CA ARG A 141 -17.48 -2.10 -1.42
CA ARG A 141 -17.45 -2.08 -1.43
C ARG A 141 -17.92 -3.17 -2.42
N GLU A 142 -19.19 -3.11 -2.79
CA GLU A 142 -19.73 -4.13 -3.68
CA GLU A 142 -19.79 -4.09 -3.71
C GLU A 142 -19.08 -4.08 -5.05
N GLN A 143 -18.80 -2.88 -5.56
CA GLN A 143 -18.15 -2.74 -6.85
C GLN A 143 -16.75 -3.36 -6.90
N LEU A 144 -15.95 -3.07 -5.88
CA LEU A 144 -14.57 -3.57 -5.83
C LEU A 144 -14.57 -5.06 -5.54
N LYS A 145 -15.51 -5.51 -4.72
CA LYS A 145 -15.69 -6.93 -4.48
C LYS A 145 -16.02 -7.65 -5.79
N ASN A 146 -16.99 -7.13 -6.53
CA ASN A 146 -17.47 -7.81 -7.73
C ASN A 146 -16.54 -7.73 -8.94
N GLY A 147 -15.66 -6.73 -8.97
CA GLY A 147 -14.82 -6.53 -10.13
C GLY A 147 -13.53 -7.33 -10.08
N GLY A 148 -13.48 -8.33 -9.20
CA GLY A 148 -12.35 -9.22 -9.20
C GLY A 148 -11.75 -9.51 -7.82
N LEU A 149 -11.83 -8.56 -6.90
CA LEU A 149 -11.13 -8.71 -5.65
C LEU A 149 -11.80 -9.67 -4.65
N GLY A 150 -13.11 -9.88 -4.79
CA GLY A 150 -13.86 -10.71 -3.84
C GLY A 150 -13.67 -10.25 -2.38
N VAL A 151 -13.43 -11.20 -1.48
CA VAL A 151 -13.24 -10.85 -0.07
C VAL A 151 -12.04 -9.94 0.18
N VAL A 152 -11.11 -9.85 -0.77
CA VAL A 152 -9.98 -8.92 -0.63
C VAL A 152 -10.48 -7.47 -0.52
N SER A 153 -11.57 -7.17 -1.22
CA SER A 153 -12.17 -5.84 -1.11
C SER A 153 -12.63 -5.54 0.32
N ASP A 154 -13.37 -6.47 0.92
CA ASP A 154 -13.81 -6.31 2.30
C ASP A 154 -12.61 -6.01 3.21
N ALA A 155 -11.53 -6.77 3.05
CA ALA A 155 -10.33 -6.59 3.87
C ALA A 155 -9.71 -5.20 3.72
N ILE A 156 -9.71 -4.68 2.49
CA ILE A 156 -9.12 -3.35 2.25
C ILE A 156 -10.00 -2.23 2.84
N PHE A 157 -11.31 -2.35 2.67
CA PHE A 157 -12.25 -1.40 3.28
C PHE A 157 -12.13 -1.41 4.80
N GLU A 158 -12.01 -2.59 5.39
CA GLU A 158 -11.89 -2.70 6.84
C GLU A 158 -10.58 -2.03 7.32
N LEU A 159 -9.51 -2.23 6.57
CA LEU A 159 -8.24 -1.58 6.88
C LEU A 159 -8.39 -0.06 6.75
N GLY A 160 -8.97 0.38 5.63
CA GLY A 160 -9.16 1.82 5.43
C GLY A 160 -10.01 2.47 6.51
N LYS A 161 -11.07 1.80 6.92
CA LYS A 161 -11.90 2.31 8.00
CA LYS A 161 -11.91 2.32 7.99
C LYS A 161 -11.10 2.44 9.28
N SER A 162 -10.32 1.39 9.56
CA SER A 162 -9.53 1.37 10.79
C SER A 162 -8.39 2.41 10.76
N LEU A 163 -7.82 2.64 9.58
CA LEU A 163 -6.70 3.58 9.47
C LEU A 163 -7.12 5.04 9.64
N SER A 164 -8.42 5.33 9.50
N SER A 164 -8.42 5.30 9.52
CA SER A 164 -8.91 6.70 9.65
CA SER A 164 -8.95 6.65 9.64
C SER A 164 -8.53 7.31 10.98
C SER A 164 -8.57 7.31 10.97
N ALA A 165 -8.65 6.53 12.06
CA ALA A 165 -8.31 7.03 13.39
C ALA A 165 -6.81 7.20 13.61
N PHE A 166 -5.99 6.57 12.76
CA PHE A 166 -4.55 6.67 12.93
C PHE A 166 -4.01 8.02 12.45
N ASN A 167 -4.76 8.72 11.60
CA ASN A 167 -4.30 10.02 11.03
C ASN A 167 -2.86 9.97 10.53
N LEU A 168 -2.54 9.00 9.69
CA LEU A 168 -1.20 8.87 9.18
C LEU A 168 -0.81 10.06 8.32
N ASP A 169 0.43 10.52 8.40
CA ASP A 169 0.84 11.57 7.47
C ASP A 169 1.60 10.94 6.27
N ASP A 170 2.00 11.74 5.31
CA ASP A 170 2.75 11.26 4.15
C ASP A 170 3.99 10.49 4.55
N THR A 171 4.66 10.93 5.61
CA THR A 171 5.87 10.24 6.04
C THR A 171 5.58 8.83 6.56
N GLU A 172 4.53 8.70 7.33
CA GLU A 172 4.17 7.43 7.88
C GLU A 172 3.77 6.43 6.78
N VAL A 173 3.00 6.92 5.81
CA VAL A 173 2.67 6.09 4.64
C VAL A 173 3.94 5.66 3.87
N ALA A 174 4.83 6.61 3.57
CA ALA A 174 6.08 6.33 2.86
C ALA A 174 6.90 5.26 3.58
N LEU A 175 7.02 5.37 4.90
CA LEU A 175 7.82 4.45 5.67
C LEU A 175 7.17 3.07 5.73
N LEU A 176 5.85 3.02 5.87
CA LEU A 176 5.15 1.74 5.75
CA LEU A 176 5.14 1.75 5.75
C LEU A 176 5.51 1.09 4.41
N GLN A 177 5.44 1.88 3.33
CA GLN A 177 5.78 1.38 2.00
C GLN A 177 7.20 0.84 1.92
N ALA A 178 8.15 1.58 2.49
CA ALA A 178 9.55 1.18 2.48
C ALA A 178 9.72 -0.13 3.23
N VAL A 179 9.05 -0.26 4.37
CA VAL A 179 9.12 -1.50 5.15
C VAL A 179 8.53 -2.69 4.37
N LEU A 180 7.39 -2.47 3.72
CA LEU A 180 6.79 -3.52 2.90
C LEU A 180 7.73 -3.93 1.76
N LEU A 181 8.32 -2.92 1.12
CA LEU A 181 9.22 -3.15 -0.02
C LEU A 181 10.43 -4.00 0.36
N MET A 182 11.09 -3.63 1.45
CA MET A 182 12.35 -4.27 1.83
C MET A 182 12.18 -5.51 2.69
N SER A 183 11.30 -6.42 2.27
CA SER A 183 11.12 -7.69 2.95
C SER A 183 11.91 -8.82 2.27
N THR A 184 12.48 -9.72 3.05
CA THR A 184 13.19 -10.86 2.47
C THR A 184 12.36 -12.12 2.40
N ASP A 185 11.06 -12.00 2.66
CA ASP A 185 10.22 -13.19 2.58
C ASP A 185 9.80 -13.45 1.13
N ARG A 186 10.80 -13.72 0.29
CA ARG A 186 10.59 -13.96 -1.13
C ARG A 186 11.67 -14.92 -1.54
N SER A 187 11.42 -15.75 -2.55
CA SER A 187 12.43 -16.69 -3.00
C SER A 187 13.32 -16.02 -4.06
N GLY A 188 14.55 -16.49 -4.18
CA GLY A 188 15.44 -16.06 -5.25
C GLY A 188 16.27 -14.80 -5.04
N LEU A 189 16.18 -14.18 -3.86
CA LEU A 189 16.98 -12.99 -3.60
C LEU A 189 18.48 -13.28 -3.46
N LEU A 190 19.32 -12.40 -3.97
CA LEU A 190 20.77 -12.47 -3.81
CA LEU A 190 20.75 -12.55 -3.73
C LEU A 190 21.20 -11.80 -2.50
N VAL A 192 20.20 -10.95 0.44
CA VAL A 192 19.34 -11.09 1.62
C VAL A 192 19.77 -10.24 2.82
N ASP A 193 21.04 -10.34 3.20
CA ASP A 193 21.50 -9.64 4.40
C ASP A 193 21.38 -8.13 4.25
N LYS A 194 21.70 -7.63 3.05
CA LYS A 194 21.63 -6.21 2.78
C LYS A 194 20.18 -5.71 2.82
N ILE A 195 19.28 -6.48 2.23
CA ILE A 195 17.88 -6.14 2.28
C ILE A 195 17.36 -6.10 3.72
N GLU A 196 17.73 -7.07 4.54
CA GLU A 196 17.28 -7.09 5.94
C GLU A 196 17.82 -5.92 6.72
N LYS A 197 19.09 -5.56 6.49
CA LYS A 197 19.69 -4.43 7.20
C LYS A 197 18.97 -3.14 6.79
N SER A 198 18.65 -3.01 5.50
CA SER A 198 17.87 -1.87 5.05
C SER A 198 16.47 -1.84 5.69
N GLN A 199 15.78 -2.98 5.74
CA GLN A 199 14.49 -2.97 6.42
C GLN A 199 14.62 -2.58 7.89
N GLU A 200 15.66 -3.08 8.55
CA GLU A 200 15.88 -2.74 9.95
C GLU A 200 16.11 -1.24 10.13
N ALA A 201 16.89 -0.63 9.24
CA ALA A 201 17.12 0.82 9.29
C ALA A 201 15.81 1.59 9.09
N TYR A 202 15.00 1.18 8.13
CA TYR A 202 13.70 1.82 7.95
C TYR A 202 12.77 1.63 9.15
N LEU A 203 12.72 0.42 9.70
CA LEU A 203 11.88 0.16 10.85
C LEU A 203 12.24 1.03 12.05
N LEU A 204 13.53 1.15 12.31
CA LEU A 204 13.98 1.95 13.45
C LEU A 204 13.71 3.45 13.23
N ALA A 205 13.96 3.93 12.01
CA ALA A 205 13.65 5.33 11.69
C ALA A 205 12.16 5.57 11.88
N PHE A 206 11.35 4.60 11.46
CA PHE A 206 9.90 4.67 11.48
C PHE A 206 9.43 4.70 12.93
N GLU A 207 9.93 3.78 13.76
CA GLU A 207 9.57 3.78 15.18
C GLU A 207 9.90 5.15 15.82
N HIS A 208 11.08 5.66 15.51
CA HIS A 208 11.51 6.96 16.03
C HIS A 208 10.63 8.12 15.48
N TYR A 209 10.22 8.03 14.21
CA TYR A 209 9.35 9.09 13.67
C TYR A 209 7.98 9.08 14.36
N VAL A 210 7.48 7.88 14.61
CA VAL A 210 6.25 7.72 15.38
C VAL A 210 6.37 8.35 16.76
N ASN A 211 7.50 8.17 17.44
CA ASN A 211 7.72 8.85 18.72
C ASN A 211 7.66 10.39 18.57
N HIS A 212 8.25 10.88 17.49
CA HIS A 212 8.35 12.32 17.24
C HIS A 212 6.96 12.92 17.05
N ARG A 213 6.08 12.16 16.43
CA ARG A 213 4.72 12.60 16.10
C ARG A 213 3.78 12.75 17.28
N LYS A 214 4.05 12.02 18.36
CA LYS A 214 3.21 12.08 19.56
C LYS A 214 1.71 11.93 19.26
N HIS A 215 1.33 10.84 18.59
CA HIS A 215 -0.08 10.59 18.28
C HIS A 215 -0.90 10.52 19.57
N ASN A 216 -2.19 10.80 19.47
CA ASN A 216 -3.11 10.77 20.62
CA ASN A 216 -3.02 10.75 20.68
C ASN A 216 -3.56 9.36 20.99
N ILE A 217 -3.46 8.45 20.04
CA ILE A 217 -3.87 7.05 20.22
C ILE A 217 -2.81 6.29 21.03
N PRO A 218 -3.22 5.55 22.06
CA PRO A 218 -2.17 4.81 22.77
C PRO A 218 -1.68 3.59 21.98
N HIS A 219 -0.46 3.16 22.27
CA HIS A 219 0.12 1.92 21.73
C HIS A 219 0.23 1.99 20.24
N PHE A 220 0.59 3.17 19.73
CA PHE A 220 0.50 3.44 18.31
C PHE A 220 1.40 2.54 17.48
N TRP A 221 2.65 2.42 17.89
CA TRP A 221 3.64 1.63 17.16
C TRP A 221 3.25 0.16 16.98
N PRO A 222 2.95 -0.58 18.06
CA PRO A 222 2.53 -1.95 17.79
C PRO A 222 1.22 -2.02 16.99
N LYS A 223 0.32 -1.07 17.17
CA LYS A 223 -0.95 -1.04 16.43
C LYS A 223 -0.70 -0.96 14.93
N LEU A 224 0.28 -0.16 14.57
CA LEU A 224 0.65 0.05 13.19
C LEU A 224 1.39 -1.17 12.63
N LEU A 225 2.18 -1.82 13.48
CA LEU A 225 2.81 -3.07 13.07
C LEU A 225 1.73 -4.12 12.77
N MET A 226 0.65 -4.14 13.55
CA MET A 226 -0.43 -5.09 13.30
CA MET A 226 -0.46 -5.05 13.31
C MET A 226 -1.06 -4.81 11.92
N LYS A 227 -1.08 -3.54 11.52
CA LYS A 227 -1.60 -3.16 10.21
C LYS A 227 -0.73 -3.66 9.06
N VAL A 228 0.58 -3.62 9.25
CA VAL A 228 1.49 -4.24 8.32
C VAL A 228 1.15 -5.72 8.09
N THR A 229 0.91 -6.47 9.17
CA THR A 229 0.52 -7.88 9.03
CA THR A 229 0.53 -7.87 9.05
C THR A 229 -0.78 -8.00 8.25
N ASP A 230 -1.75 -7.12 8.50
CA ASP A 230 -2.99 -7.15 7.71
C ASP A 230 -2.72 -6.92 6.21
N LEU A 231 -1.84 -5.98 5.90
CA LEU A 231 -1.50 -5.72 4.51
C LEU A 231 -0.85 -6.94 3.86
N ARG A 232 -0.02 -7.64 4.63
CA ARG A 232 0.60 -8.90 4.18
C ARG A 232 -0.44 -9.95 3.82
N MET A 233 -1.43 -10.12 4.68
CA MET A 233 -2.51 -11.06 4.43
C MET A 233 -3.35 -10.64 3.21
N ILE A 234 -3.59 -9.34 3.07
CA ILE A 234 -4.27 -8.83 1.87
C ILE A 234 -3.45 -9.22 0.62
N GLY A 235 -2.15 -9.01 0.69
CA GLY A 235 -1.27 -9.37 -0.42
C GLY A 235 -1.36 -10.86 -0.72
N ALA A 236 -1.39 -11.68 0.33
CA ALA A 236 -1.45 -13.13 0.11
C ALA A 236 -2.79 -13.59 -0.48
N HIS A 238 -4.75 -11.80 -2.25
CA HIS A 238 -4.77 -11.35 -3.63
C HIS A 238 -3.95 -12.26 -4.56
N ALA A 239 -2.79 -12.72 -4.10
CA ALA A 239 -1.95 -13.57 -4.94
C ALA A 239 -2.71 -14.85 -5.28
N SER A 240 -3.41 -15.39 -4.29
CA SER A 240 -4.20 -16.61 -4.47
C SER A 240 -5.35 -16.38 -5.45
N ARG A 241 -6.10 -15.30 -5.23
CA ARG A 241 -7.20 -15.01 -6.11
C ARG A 241 -6.73 -14.77 -7.54
N PHE A 242 -5.57 -14.12 -7.70
CA PHE A 242 -5.09 -13.78 -9.02
C PHE A 242 -4.79 -15.05 -9.82
N LEU A 243 -4.23 -16.06 -9.16
CA LEU A 243 -3.99 -17.35 -9.81
C LEU A 243 -5.30 -17.93 -10.32
N HIS A 244 -6.34 -17.80 -9.53
CA HIS A 244 -7.65 -18.27 -9.98
C HIS A 244 -8.17 -17.49 -11.17
N MET A 245 -8.01 -16.18 -11.15
CA MET A 245 -8.43 -15.30 -12.23
C MET A 245 -7.81 -15.78 -13.53
N LYS A 246 -6.53 -16.05 -13.49
CA LYS A 246 -5.75 -16.45 -14.66
CA LYS A 246 -5.76 -16.43 -14.67
C LYS A 246 -6.22 -17.79 -15.23
N VAL A 247 -6.62 -18.70 -14.35
CA VAL A 247 -7.20 -19.98 -14.74
C VAL A 247 -8.54 -19.77 -15.45
N GLU A 248 -9.35 -18.83 -14.94
CA GLU A 248 -10.70 -18.64 -15.49
C GLU A 248 -10.75 -17.79 -16.75
N PRO A 250 -9.21 -15.25 -20.09
CA PRO A 250 -8.20 -15.23 -21.16
C PRO A 250 -7.21 -14.11 -20.94
N THR A 251 -6.00 -14.33 -21.43
CA THR A 251 -4.86 -13.44 -21.21
CA THR A 251 -4.90 -13.43 -21.14
C THR A 251 -5.19 -12.01 -21.66
N GLU A 252 -6.00 -11.89 -22.70
CA GLU A 252 -6.27 -10.60 -23.31
C GLU A 252 -6.98 -9.63 -22.38
N LEU A 253 -7.64 -10.15 -21.34
CA LEU A 253 -8.28 -9.28 -20.36
C LEU A 253 -7.30 -8.69 -19.34
N PHE A 254 -6.04 -9.13 -19.36
CA PHE A 254 -5.04 -8.67 -18.39
C PHE A 254 -3.99 -7.77 -19.05
N PRO A 255 -3.88 -6.50 -18.61
CA PRO A 255 -2.77 -5.68 -19.10
C PRO A 255 -1.44 -6.37 -18.83
N PRO A 256 -0.49 -6.21 -19.75
CA PRO A 256 0.80 -6.90 -19.69
C PRO A 256 1.55 -6.68 -18.38
N LEU A 257 1.48 -5.49 -17.81
CA LEU A 257 2.26 -5.22 -16.60
C LEU A 257 1.60 -5.87 -15.40
N PHE A 258 0.27 -5.96 -15.45
CA PHE A 258 -0.56 -6.57 -14.42
C PHE A 258 -0.18 -8.04 -14.30
N LEU A 259 -0.13 -8.72 -15.45
CA LEU A 259 0.30 -10.11 -15.51
C LEU A 259 1.72 -10.26 -15.00
N GLU A 260 2.59 -9.38 -15.45
CA GLU A 260 3.99 -9.52 -15.08
C GLU A 260 4.22 -9.44 -13.56
N VAL A 261 3.59 -8.47 -12.90
CA VAL A 261 3.87 -8.31 -11.48
CA VAL A 261 3.77 -8.25 -11.47
C VAL A 261 3.26 -9.44 -10.65
N PHE A 262 2.10 -9.96 -11.05
CA PHE A 262 1.41 -10.97 -10.25
C PHE A 262 1.50 -12.43 -10.70
N GLU A 263 1.96 -12.69 -11.93
CA GLU A 263 1.93 -14.07 -12.48
C GLU A 263 2.83 -15.05 -11.74
N ASP A 264 3.68 -14.51 -10.87
CA ASP A 264 4.61 -15.28 -10.06
C ASP A 264 4.01 -16.54 -9.42
#